data_3CQK
#
_entry.id   3CQK
#
_cell.length_a   105.028
_cell.length_b   132.550
_cell.length_c   82.079
_cell.angle_alpha   90.000
_cell.angle_beta   90.000
_cell.angle_gamma   90.000
#
_symmetry.space_group_name_H-M   'C 2 2 21'
#
loop_
_entity.id
_entity.type
_entity.pdbx_description
1 polymer 'L-ribulose-5-phosphate 3-epimerase ulaE'
2 non-polymer 'ZINC ION'
3 non-polymer 'SULFATE ION'
4 water water
#
_entity_poly.entity_id   1
_entity_poly.type   'polypeptide(L)'
_entity_poly.pdbx_seq_one_letter_code
;MGSSHHHHHHGSLSKQIPLGIYEKALPAGECWLERLQLAKTLGFDFVEMSVDETDERLSRLDWSREQRLALVNAIVETGV
RVPSMCLSAHRRFPLGSEDDAVRAQGLEIMRKAIQFAQDVGIRVIQLAGYDVYYQEANNETRRRFRDGLKESVEMASRAQ
VTLAMEIMDYPLMNSISKALGYAHYLNNPWFQLYPDIGNLSAWDNDVQMELQAGIGHIVAVHVKDTKPGVFKNVPFGEGV
VDFERCFETLKQSGYCGPYLIEMWSETAEDPAAEVAKARDWVKARMAKAGMVEAA
;
_entity_poly.pdbx_strand_id   A,B
#
# COMPACT_ATOMS: atom_id res chain seq x y z
N GLN A 16 -14.50 5.00 12.44
CA GLN A 16 -14.10 6.31 13.03
C GLN A 16 -12.87 6.89 12.33
N ILE A 17 -12.78 8.22 12.31
CA ILE A 17 -11.79 9.02 11.53
C ILE A 17 -10.37 9.00 12.11
N PRO A 18 -9.38 8.47 11.36
CA PRO A 18 -8.04 8.41 11.94
C PRO A 18 -7.37 9.79 11.89
N LEU A 19 -6.85 10.23 13.04
CA LEU A 19 -6.26 11.56 13.14
C LEU A 19 -4.80 11.46 13.59
N GLY A 20 -3.91 12.06 12.80
CA GLY A 20 -2.50 12.06 13.13
C GLY A 20 -1.86 13.41 13.32
N ILE A 21 -0.63 13.39 13.83
CA ILE A 21 0.18 14.60 14.03
C ILE A 21 1.53 14.52 13.30
N TYR A 22 1.92 15.60 12.64
CA TYR A 22 3.25 15.72 12.03
C TYR A 22 4.34 15.59 13.10
N GLU A 23 5.43 14.89 12.77
CA GLU A 23 6.55 14.72 13.69
C GLU A 23 7.02 16.06 14.22
N LYS A 24 7.14 17.04 13.32
CA LYS A 24 7.76 18.31 13.67
C LYS A 24 6.85 19.24 14.48
N ALA A 25 5.69 18.75 14.85
CA ALA A 25 4.84 19.42 15.80
C ALA A 25 5.24 19.09 17.25
N LEU A 26 5.95 17.99 17.46
CA LEU A 26 6.27 17.47 18.80
C LEU A 26 7.77 17.65 19.12
N PRO A 27 8.18 17.57 20.41
CA PRO A 27 9.58 17.70 20.81
C PRO A 27 10.57 16.87 19.98
N ALA A 28 11.79 17.39 19.86
CA ALA A 28 12.74 16.96 18.81
C ALA A 28 13.46 15.61 18.94
N GLY A 29 13.44 15.01 20.14
CA GLY A 29 14.07 13.70 20.40
C GLY A 29 14.05 12.57 19.37
N GLU A 30 15.07 11.71 19.41
CA GLU A 30 15.13 10.55 18.52
C GLU A 30 14.70 9.26 19.28
N CYS A 31 14.20 9.41 20.52
CA CYS A 31 13.50 8.30 21.14
C CYS A 31 12.04 8.22 20.65
N TRP A 32 11.73 7.21 19.83
CA TRP A 32 10.41 7.13 19.23
C TRP A 32 9.30 6.65 20.14
N LEU A 33 9.65 5.86 21.15
CA LEU A 33 8.65 5.38 22.13
C LEU A 33 8.04 6.55 22.92
N GLU A 34 8.90 7.48 23.32
CA GLU A 34 8.52 8.68 24.02
C GLU A 34 7.65 9.56 23.10
N ARG A 35 8.09 9.72 21.85
CA ARG A 35 7.35 10.46 20.82
C ARG A 35 5.96 9.84 20.58
N LEU A 36 5.92 8.53 20.44
CA LEU A 36 4.67 7.80 20.23
C LEU A 36 3.71 7.82 21.43
N GLN A 37 4.25 7.67 22.65
CA GLN A 37 3.49 7.81 23.91
C GLN A 37 2.86 9.19 24.04
N LEU A 38 3.60 10.22 23.62
CA LEU A 38 3.12 11.63 23.67
C LEU A 38 1.92 11.84 22.72
N ALA A 39 2.07 11.35 21.49
CA ALA A 39 0.96 11.32 20.53
C ALA A 39 -0.29 10.63 21.07
N LYS A 40 -0.13 9.47 21.73
CA LYS A 40 -1.28 8.76 22.31
C LYS A 40 -1.98 9.60 23.37
N THR A 41 -1.17 10.20 24.25
CA THR A 41 -1.62 11.08 25.33
C THR A 41 -2.41 12.28 24.80
N LEU A 42 -1.93 12.84 23.68
CA LEU A 42 -2.60 13.97 23.01
C LEU A 42 -3.78 13.54 22.13
N GLY A 43 -4.05 12.24 22.08
CA GLY A 43 -5.28 11.74 21.46
C GLY A 43 -5.20 11.33 20.00
N PHE A 44 -3.99 11.22 19.46
CA PHE A 44 -3.78 10.89 18.06
C PHE A 44 -3.61 9.39 17.85
N ASP A 45 -4.01 8.92 16.66
CA ASP A 45 -3.94 7.53 16.26
C ASP A 45 -2.61 7.25 15.59
N PHE A 46 -1.92 8.30 15.13
CA PHE A 46 -0.68 8.12 14.39
C PHE A 46 0.21 9.35 14.32
N VAL A 47 1.46 9.09 13.93
CA VAL A 47 2.46 10.12 13.73
C VAL A 47 2.96 9.99 12.29
N GLU A 48 3.18 11.11 11.62
CA GLU A 48 3.86 11.07 10.33
C GLU A 48 5.33 11.47 10.47
N MET A 49 6.20 10.59 10.02
CA MET A 49 7.63 10.80 10.10
C MET A 49 8.07 11.76 9.02
N SER A 50 8.96 12.67 9.39
CA SER A 50 9.60 13.52 8.41
C SER A 50 10.98 12.98 8.07
N VAL A 51 11.22 12.71 6.80
CA VAL A 51 12.59 12.52 6.32
C VAL A 51 12.88 13.70 5.40
N ASP A 52 13.43 14.75 5.99
CA ASP A 52 13.57 16.07 5.35
C ASP A 52 14.99 16.33 4.85
N GLU A 53 15.34 17.62 4.72
CA GLU A 53 16.61 18.07 4.19
C GLU A 53 17.78 17.97 5.19
N THR A 54 17.47 17.87 6.48
CA THR A 54 18.51 17.83 7.51
C THR A 54 19.18 16.47 7.53
N ASP A 55 20.48 16.47 7.85
CA ASP A 55 21.28 15.24 7.89
C ASP A 55 20.87 14.29 9.00
N GLU A 56 20.32 14.87 10.06
CA GLU A 56 19.87 14.12 11.21
C GLU A 56 18.71 13.17 10.86
N ARG A 57 17.70 13.69 10.17
CA ARG A 57 16.59 12.87 9.68
C ARG A 57 16.98 12.05 8.47
N LEU A 58 17.85 12.59 7.62
CA LEU A 58 18.35 11.87 6.46
C LEU A 58 19.09 10.59 6.88
N SER A 59 19.75 10.65 8.02
CA SER A 59 20.50 9.52 8.57
C SER A 59 19.60 8.35 8.96
N ARG A 60 18.32 8.60 9.22
CA ARG A 60 17.34 7.52 9.44
C ARG A 60 17.34 6.43 8.36
N LEU A 61 17.65 6.82 7.13
CA LEU A 61 17.71 5.87 6.00
C LEU A 61 18.90 4.93 6.08
N ASP A 62 19.89 5.28 6.91
CA ASP A 62 21.05 4.41 7.13
C ASP A 62 20.99 3.71 8.46
N TRP A 63 19.85 3.81 9.16
CA TRP A 63 19.60 3.06 10.40
C TRP A 63 19.97 1.60 10.25
N SER A 64 20.44 1.03 11.34
CA SER A 64 20.75 -0.39 11.40
C SER A 64 19.44 -1.18 11.56
N ARG A 65 19.51 -2.50 11.35
CA ARG A 65 18.38 -3.40 11.62
C ARG A 65 17.79 -3.21 13.02
N GLU A 66 18.66 -3.08 14.02
CA GLU A 66 18.22 -2.87 15.41
C GLU A 66 17.53 -1.53 15.65
N GLN A 67 17.96 -0.46 14.97
CA GLN A 67 17.24 0.83 15.07
C GLN A 67 15.87 0.75 14.39
N ARG A 68 15.83 0.10 13.23
CA ARG A 68 14.56 -0.14 12.53
C ARG A 68 13.61 -0.98 13.38
N LEU A 69 14.11 -2.08 13.94
CA LEU A 69 13.27 -2.97 14.76
C LEU A 69 12.84 -2.35 16.08
N ALA A 70 13.61 -1.39 16.57
CA ALA A 70 13.23 -0.64 17.76
C ALA A 70 12.02 0.26 17.51
N LEU A 71 11.99 0.96 16.37
CA LEU A 71 10.76 1.69 15.95
C LEU A 71 9.55 0.78 15.82
N VAL A 72 9.71 -0.36 15.14
CA VAL A 72 8.59 -1.31 15.03
C VAL A 72 8.08 -1.71 16.42
N ASN A 73 9.03 -1.98 17.34
CA ASN A 73 8.71 -2.31 18.74
C ASN A 73 7.85 -1.24 19.42
N ALA A 74 8.26 0.03 19.36
CA ALA A 74 7.54 1.14 19.99
C ALA A 74 6.13 1.34 19.42
N ILE A 75 6.00 1.20 18.11
CA ILE A 75 4.71 1.22 17.42
C ILE A 75 3.75 0.16 17.96
N VAL A 76 4.22 -1.09 17.99
CA VAL A 76 3.37 -2.25 18.33
C VAL A 76 2.94 -2.16 19.79
N GLU A 77 3.85 -1.65 20.61
CA GLU A 77 3.68 -1.51 22.05
C GLU A 77 2.77 -0.34 22.49
N THR A 78 2.87 0.81 21.84
CA THR A 78 2.00 1.95 22.16
C THR A 78 0.65 1.90 21.44
N GLY A 79 0.64 1.25 20.27
CA GLY A 79 -0.51 1.23 19.37
C GLY A 79 -0.65 2.47 18.50
N VAL A 80 0.31 3.38 18.56
CA VAL A 80 0.30 4.62 17.75
C VAL A 80 1.10 4.32 16.48
N ARG A 81 0.45 4.33 15.32
CA ARG A 81 1.10 3.90 14.06
C ARG A 81 2.03 4.97 13.51
N VAL A 82 2.96 4.57 12.64
CA VAL A 82 3.68 5.52 11.77
C VAL A 82 3.40 5.05 10.34
N PRO A 83 2.19 5.37 9.82
CA PRO A 83 1.75 4.86 8.52
C PRO A 83 2.35 5.60 7.33
N SER A 84 2.96 6.76 7.57
CA SER A 84 3.42 7.58 6.44
C SER A 84 4.70 8.34 6.72
N MET A 85 5.46 8.54 5.64
CA MET A 85 6.69 9.30 5.66
C MET A 85 6.56 10.50 4.68
N CYS A 86 6.89 11.69 5.18
CA CYS A 86 7.02 12.91 4.39
C CYS A 86 8.47 12.92 3.84
N LEU A 87 8.64 12.81 2.52
CA LEU A 87 9.98 12.73 1.95
C LEU A 87 10.42 14.06 1.31
N SER A 88 10.60 15.07 2.14
CA SER A 88 10.88 16.43 1.65
C SER A 88 12.38 16.67 1.43
N ALA A 89 13.18 15.62 1.66
CA ALA A 89 14.61 15.56 1.31
C ALA A 89 14.88 15.84 -0.17
N HIS A 90 13.87 15.64 -1.00
CA HIS A 90 13.96 15.88 -2.43
C HIS A 90 14.00 17.37 -2.78
N ARG A 91 13.64 18.22 -1.82
CA ARG A 91 13.84 19.66 -1.97
C ARG A 91 15.35 19.96 -2.04
N ARG A 92 16.15 19.17 -1.33
CA ARG A 92 17.60 19.30 -1.35
C ARG A 92 18.23 18.48 -2.47
N PHE A 93 17.68 17.31 -2.74
CA PHE A 93 18.17 16.43 -3.80
C PHE A 93 17.06 16.10 -4.80
N PRO A 94 16.63 17.08 -5.63
CA PRO A 94 15.46 16.87 -6.49
C PRO A 94 15.74 15.90 -7.64
N LEU A 95 14.69 15.21 -8.08
CA LEU A 95 14.77 14.21 -9.13
C LEU A 95 14.87 14.82 -10.51
N GLY A 96 14.62 16.13 -10.59
CA GLY A 96 14.74 16.88 -11.84
C GLY A 96 16.08 17.56 -12.06
N SER A 97 16.95 17.51 -11.05
CA SER A 97 18.24 18.17 -11.08
C SER A 97 19.07 17.84 -12.33
N GLU A 98 19.46 18.86 -13.08
CA GLU A 98 20.34 18.66 -14.22
C GLU A 98 21.80 18.46 -13.81
N ASP A 99 22.05 18.48 -12.51
CA ASP A 99 23.32 18.01 -11.93
C ASP A 99 23.15 16.52 -11.67
N ASP A 100 23.78 15.71 -12.52
CA ASP A 100 23.61 14.25 -12.50
C ASP A 100 23.98 13.59 -11.17
N ALA A 101 24.92 14.21 -10.46
CA ALA A 101 25.32 13.75 -9.12
C ALA A 101 24.24 13.97 -8.06
N VAL A 102 23.54 15.11 -8.15
CA VAL A 102 22.47 15.45 -7.21
C VAL A 102 21.22 14.60 -7.50
N ARG A 103 20.94 14.38 -8.78
CA ARG A 103 19.81 13.56 -9.20
C ARG A 103 19.98 12.10 -8.77
N ALA A 104 21.21 11.59 -8.86
CA ALA A 104 21.51 10.22 -8.45
C ALA A 104 21.36 10.05 -6.95
N GLN A 105 21.74 11.09 -6.21
CA GLN A 105 21.54 11.18 -4.75
C GLN A 105 20.05 11.16 -4.40
N GLY A 106 19.23 11.78 -5.24
CA GLY A 106 17.77 11.85 -5.04
C GLY A 106 17.09 10.51 -5.25
N LEU A 107 17.59 9.74 -6.21
CA LEU A 107 17.05 8.41 -6.51
C LEU A 107 17.52 7.36 -5.53
N GLU A 108 18.72 7.54 -4.99
CA GLU A 108 19.27 6.68 -3.97
C GLU A 108 18.48 6.88 -2.68
N ILE A 109 18.17 8.13 -2.34
CA ILE A 109 17.24 8.44 -1.24
C ILE A 109 15.84 7.81 -1.43
N MET A 110 15.31 7.87 -2.66
CA MET A 110 14.04 7.18 -2.98
C MET A 110 14.14 5.67 -2.70
N ARG A 111 15.16 5.02 -3.24
CA ARG A 111 15.45 3.62 -2.98
C ARG A 111 15.52 3.29 -1.48
N LYS A 112 16.22 4.14 -0.73
CA LYS A 112 16.42 3.92 0.70
C LYS A 112 15.15 4.17 1.54
N ALA A 113 14.34 5.14 1.12
CA ALA A 113 13.05 5.41 1.78
C ALA A 113 12.06 4.24 1.64
N ILE A 114 12.02 3.65 0.44
CA ILE A 114 11.20 2.47 0.13
C ILE A 114 11.64 1.23 0.94
N GLN A 115 12.93 0.93 0.95
CA GLN A 115 13.47 -0.15 1.79
C GLN A 115 13.11 0.08 3.25
N PHE A 116 13.36 1.30 3.73
CA PHE A 116 12.95 1.73 5.06
C PHE A 116 11.46 1.49 5.32
N ALA A 117 10.62 1.95 4.41
CA ALA A 117 9.18 1.73 4.46
C ALA A 117 8.86 0.25 4.58
N GLN A 118 9.53 -0.58 3.77
CA GLN A 118 9.39 -2.04 3.84
C GLN A 118 9.79 -2.56 5.22
N ASP A 119 10.96 -2.11 5.69
CA ASP A 119 11.47 -2.55 7.00
C ASP A 119 10.54 -2.23 8.18
N VAL A 120 10.02 -1.01 8.26
CA VAL A 120 9.22 -0.62 9.44
C VAL A 120 7.69 -0.55 9.22
N GLY A 121 7.24 -0.91 8.01
CA GLY A 121 5.82 -1.04 7.75
C GLY A 121 5.09 0.27 7.57
N ILE A 122 5.78 1.27 7.04
CA ILE A 122 5.18 2.52 6.64
C ILE A 122 4.32 2.28 5.41
N ARG A 123 3.07 2.75 5.45
CA ARG A 123 2.09 2.45 4.39
C ARG A 123 2.25 3.31 3.14
N VAL A 124 2.61 4.59 3.35
CA VAL A 124 2.63 5.62 2.32
C VAL A 124 3.86 6.53 2.44
N ILE A 125 4.60 6.71 1.34
CA ILE A 125 5.62 7.75 1.28
C ILE A 125 5.09 8.95 0.49
N GLN A 126 4.92 10.08 1.18
CA GLN A 126 4.53 11.31 0.53
C GLN A 126 5.69 11.92 -0.25
N LEU A 127 5.53 11.99 -1.56
CA LEU A 127 6.53 12.59 -2.42
C LEU A 127 6.37 14.10 -2.44
N ALA A 128 7.49 14.80 -2.63
CA ALA A 128 7.49 16.24 -2.86
C ALA A 128 7.53 16.45 -4.38
N GLY A 129 6.57 17.20 -4.91
CA GLY A 129 6.52 17.48 -6.34
C GLY A 129 7.35 18.68 -6.79
N TYR A 130 8.66 18.65 -6.50
CA TYR A 130 9.61 19.62 -7.06
C TYR A 130 10.43 18.93 -8.11
N ASP A 131 10.47 19.51 -9.31
CA ASP A 131 11.46 19.14 -10.29
C ASP A 131 12.83 19.70 -9.89
N VAL A 132 12.81 20.93 -9.34
CA VAL A 132 13.96 21.59 -8.71
C VAL A 132 13.42 22.68 -7.77
N TYR A 133 14.17 23.02 -6.74
CA TYR A 133 13.72 24.05 -5.80
C TYR A 133 14.67 25.24 -5.69
N TYR A 134 15.90 24.98 -5.25
CA TYR A 134 16.90 26.03 -5.09
C TYR A 134 17.47 26.50 -6.43
N GLN A 135 17.24 25.73 -7.49
CA GLN A 135 17.62 26.13 -8.84
C GLN A 135 16.37 26.40 -9.69
N GLU A 136 16.59 27.04 -10.85
CA GLU A 136 15.48 27.43 -11.72
C GLU A 136 15.04 26.29 -12.65
N ALA A 137 13.74 26.09 -12.71
CA ALA A 137 13.15 25.08 -13.58
C ALA A 137 13.26 25.47 -15.04
N ASN A 138 13.42 24.47 -15.88
CA ASN A 138 13.31 24.59 -17.33
C ASN A 138 12.71 23.29 -17.86
N ASN A 139 12.74 23.10 -19.18
CA ASN A 139 12.25 21.89 -19.81
C ASN A 139 13.03 20.64 -19.45
N GLU A 140 14.35 20.81 -19.25
CA GLU A 140 15.24 19.71 -18.87
C GLU A 140 14.97 19.20 -17.45
N THR A 141 14.68 20.12 -16.53
CA THR A 141 14.33 19.76 -15.14
C THR A 141 12.97 19.04 -15.08
N ARG A 142 12.05 19.42 -15.96
CA ARG A 142 10.75 18.76 -16.03
C ARG A 142 10.84 17.36 -16.64
N ARG A 143 11.72 17.17 -17.62
CA ARG A 143 11.88 15.85 -18.24
C ARG A 143 12.58 14.87 -17.30
N ARG A 144 13.61 15.35 -16.61
CA ARG A 144 14.35 14.57 -15.62
C ARG A 144 13.52 14.22 -14.41
N PHE A 145 12.65 15.15 -13.99
CA PHE A 145 11.70 14.89 -12.90
C PHE A 145 10.70 13.78 -13.25
N ARG A 146 10.13 13.84 -14.46
CA ARG A 146 9.15 12.87 -14.97
C ARG A 146 9.75 11.47 -15.02
N ASP A 147 10.95 11.36 -15.59
CA ASP A 147 11.69 10.09 -15.66
C ASP A 147 12.05 9.53 -14.29
N GLY A 148 12.36 10.41 -13.35
CA GLY A 148 12.72 10.02 -12.01
C GLY A 148 11.52 9.53 -11.24
N LEU A 149 10.36 10.05 -11.61
CA LEU A 149 9.10 9.67 -11.03
C LEU A 149 8.72 8.26 -11.49
N LYS A 150 8.87 8.00 -12.79
CA LYS A 150 8.64 6.68 -13.39
C LYS A 150 9.53 5.66 -12.74
N GLU A 151 10.80 6.01 -12.56
CA GLU A 151 11.78 5.12 -11.95
C GLU A 151 11.51 4.83 -10.47
N SER A 152 11.06 5.84 -9.73
CA SER A 152 10.66 5.70 -8.34
C SER A 152 9.44 4.80 -8.21
N VAL A 153 8.48 4.99 -9.11
CA VAL A 153 7.23 4.25 -9.11
C VAL A 153 7.43 2.78 -9.50
N GLU A 154 8.40 2.54 -10.38
CA GLU A 154 8.84 1.18 -10.70
C GLU A 154 9.41 0.45 -9.47
N MET A 155 10.27 1.12 -8.72
CA MET A 155 10.84 0.58 -7.48
C MET A 155 9.73 0.27 -6.50
N ALA A 156 8.77 1.20 -6.42
CA ALA A 156 7.59 1.11 -5.55
C ALA A 156 6.64 -0.04 -5.91
N SER A 157 6.53 -0.35 -7.20
CA SER A 157 5.78 -1.51 -7.70
C SER A 157 6.38 -2.83 -7.29
N ARG A 158 7.70 -2.89 -7.33
CA ARG A 158 8.44 -4.08 -6.92
C ARG A 158 8.30 -4.34 -5.41
N ALA A 159 8.32 -3.27 -4.63
CA ALA A 159 8.25 -3.35 -3.17
C ALA A 159 6.79 -3.39 -2.68
N GLN A 160 5.86 -3.01 -3.55
CA GLN A 160 4.47 -2.87 -3.18
C GLN A 160 4.28 -1.82 -2.07
N VAL A 161 4.91 -0.67 -2.26
CA VAL A 161 4.87 0.48 -1.36
C VAL A 161 4.23 1.65 -2.10
N THR A 162 3.28 2.32 -1.45
CA THR A 162 2.55 3.45 -2.03
C THR A 162 3.38 4.74 -1.95
N LEU A 163 3.55 5.36 -3.12
CA LEU A 163 4.04 6.72 -3.21
C LEU A 163 2.84 7.62 -3.55
N ALA A 164 2.63 8.64 -2.72
CA ALA A 164 1.47 9.51 -2.83
C ALA A 164 2.00 10.91 -3.00
N MET A 165 1.65 11.56 -4.09
CA MET A 165 2.20 12.86 -4.39
C MET A 165 1.46 13.97 -3.64
N GLU A 166 2.21 14.79 -2.91
CA GLU A 166 1.62 15.94 -2.25
C GLU A 166 1.21 17.03 -3.24
N ILE A 167 0.11 17.70 -2.93
CA ILE A 167 -0.20 18.95 -3.60
C ILE A 167 0.59 20.05 -2.88
N MET A 168 1.37 20.78 -3.67
CA MET A 168 2.57 21.50 -3.22
C MET A 168 2.44 23.02 -3.14
N ASP A 169 3.41 23.59 -2.44
CA ASP A 169 3.68 25.03 -2.41
C ASP A 169 4.52 25.46 -3.62
N TYR A 170 4.23 24.88 -4.78
CA TYR A 170 5.11 24.98 -5.94
C TYR A 170 4.27 24.74 -7.19
N PRO A 171 4.41 25.62 -8.22
CA PRO A 171 3.44 25.61 -9.35
C PRO A 171 3.35 24.31 -10.19
N LEU A 172 4.42 23.50 -10.26
CA LEU A 172 4.42 22.27 -11.06
C LEU A 172 3.37 21.28 -10.55
N MET A 173 3.10 21.34 -9.26
CA MET A 173 2.23 20.41 -8.57
C MET A 173 1.26 21.12 -7.62
N ASN A 174 0.73 22.27 -8.04
CA ASN A 174 -0.08 23.13 -7.19
C ASN A 174 -1.58 22.84 -7.19
N SER A 175 -1.97 21.71 -7.78
CA SER A 175 -3.37 21.32 -7.75
C SER A 175 -3.49 19.82 -7.87
N ILE A 176 -4.65 19.30 -7.45
CA ILE A 176 -5.02 17.90 -7.64
C ILE A 176 -4.99 17.49 -9.12
N SER A 177 -5.52 18.36 -10.00
CA SER A 177 -5.49 18.16 -11.47
C SER A 177 -4.09 17.89 -12.05
N LYS A 178 -3.09 18.57 -11.51
CA LYS A 178 -1.71 18.38 -11.95
C LYS A 178 -1.17 17.06 -11.47
N ALA A 179 -1.45 16.71 -10.22
CA ALA A 179 -1.11 15.37 -9.72
C ALA A 179 -1.83 14.25 -10.53
N LEU A 180 -3.10 14.48 -10.88
CA LEU A 180 -3.86 13.51 -11.69
C LEU A 180 -3.28 13.33 -13.09
N GLY A 181 -2.72 14.40 -13.65
CA GLY A 181 -1.97 14.32 -14.92
C GLY A 181 -0.84 13.33 -14.81
N TYR A 182 0.01 13.44 -13.78
CA TYR A 182 1.10 12.48 -13.54
C TYR A 182 0.59 11.05 -13.30
N ALA A 183 -0.47 10.91 -12.49
CA ALA A 183 -1.15 9.61 -12.25
C ALA A 183 -1.68 8.92 -13.50
N HIS A 184 -2.14 9.70 -14.45
CA HIS A 184 -2.65 9.19 -15.72
C HIS A 184 -1.51 8.71 -16.58
N TYR A 185 -0.47 9.54 -16.65
CA TYR A 185 0.77 9.20 -17.36
C TYR A 185 1.38 7.92 -16.78
N LEU A 186 1.48 7.84 -15.46
CA LEU A 186 2.14 6.69 -14.84
C LEU A 186 1.28 5.42 -14.88
N ASN A 187 -0.04 5.56 -14.79
CA ASN A 187 -0.99 4.43 -14.78
C ASN A 187 -0.54 3.24 -13.91
N ASN A 188 -0.21 3.51 -12.65
CA ASN A 188 0.36 2.51 -11.76
C ASN A 188 -0.38 2.60 -10.42
N PRO A 189 -0.88 1.45 -9.89
CA PRO A 189 -1.69 1.46 -8.66
C PRO A 189 -0.93 1.98 -7.44
N TRP A 190 0.40 2.04 -7.54
CA TRP A 190 1.26 2.44 -6.43
C TRP A 190 1.63 3.91 -6.45
N PHE A 191 1.04 4.65 -7.40
CA PHE A 191 1.17 6.10 -7.44
C PHE A 191 -0.18 6.69 -7.14
N GLN A 192 -0.29 7.44 -6.05
CA GLN A 192 -1.58 7.99 -5.63
C GLN A 192 -1.44 9.43 -5.18
N LEU A 193 -2.47 9.96 -4.51
CA LEU A 193 -2.53 11.39 -4.19
C LEU A 193 -2.59 11.67 -2.69
N TYR A 194 -1.86 12.67 -2.25
CA TYR A 194 -1.85 13.06 -0.87
C TYR A 194 -2.03 14.58 -0.85
N PRO A 195 -3.28 15.06 -1.00
CA PRO A 195 -3.45 16.52 -1.05
C PRO A 195 -3.22 17.20 0.28
N ASP A 196 -2.69 18.41 0.21
CA ASP A 196 -2.63 19.28 1.36
C ASP A 196 -3.68 20.36 1.11
N ILE A 197 -4.69 20.41 1.96
CA ILE A 197 -5.79 21.33 1.69
C ILE A 197 -5.39 22.80 1.85
N GLY A 198 -4.23 23.02 2.50
CA GLY A 198 -3.69 24.36 2.65
C GLY A 198 -2.99 24.82 1.40
N ASN A 199 -2.05 24.01 0.94
CA ASN A 199 -1.37 24.25 -0.32
C ASN A 199 -2.36 24.40 -1.47
N LEU A 200 -3.39 23.53 -1.52
CA LEU A 200 -4.44 23.54 -2.55
C LEU A 200 -5.25 24.84 -2.56
N SER A 201 -5.47 25.42 -1.37
CA SER A 201 -6.25 26.65 -1.15
C SER A 201 -5.50 27.97 -1.37
N ALA A 202 -4.20 27.93 -1.67
CA ALA A 202 -3.37 29.15 -1.69
C ALA A 202 -2.98 29.58 -3.11
N TRP A 203 -3.64 29.00 -4.10
CA TRP A 203 -3.41 29.32 -5.51
C TRP A 203 -4.71 29.86 -6.12
N ASP A 204 -4.96 29.56 -7.38
CA ASP A 204 -6.23 29.93 -8.01
C ASP A 204 -7.08 28.69 -8.39
N ASN A 205 -7.18 27.73 -7.46
CA ASN A 205 -7.91 26.47 -7.67
C ASN A 205 -9.36 26.58 -7.24
N ASP A 206 -10.23 25.81 -7.91
CA ASP A 206 -11.56 25.49 -7.38
C ASP A 206 -11.38 24.32 -6.40
N VAL A 207 -11.23 24.62 -5.11
CA VAL A 207 -10.76 23.64 -4.12
C VAL A 207 -11.72 22.44 -4.03
N GLN A 208 -13.01 22.72 -3.91
CA GLN A 208 -14.04 21.72 -3.71
C GLN A 208 -14.21 20.80 -4.93
N MET A 209 -14.09 21.36 -6.11
CA MET A 209 -14.11 20.54 -7.29
C MET A 209 -12.84 19.70 -7.39
N GLU A 210 -11.69 20.25 -7.02
CA GLU A 210 -10.44 19.49 -7.03
C GLU A 210 -10.52 18.29 -6.07
N LEU A 211 -11.03 18.51 -4.85
CA LEU A 211 -11.17 17.45 -3.86
C LEU A 211 -12.00 16.32 -4.41
N GLN A 212 -13.13 16.67 -5.00
CA GLN A 212 -14.10 15.71 -5.52
C GLN A 212 -13.54 14.94 -6.72
N ALA A 213 -12.81 15.65 -7.57
CA ALA A 213 -12.09 15.09 -8.70
C ALA A 213 -11.00 14.05 -8.35
N GLY A 214 -10.30 14.24 -7.23
CA GLY A 214 -9.23 13.30 -6.84
C GLY A 214 -9.68 12.05 -6.08
N ILE A 215 -10.95 12.00 -5.70
CA ILE A 215 -11.45 11.04 -4.70
C ILE A 215 -10.95 9.56 -4.73
N GLY A 216 -11.07 8.89 -5.87
CA GLY A 216 -10.57 7.52 -5.94
C GLY A 216 -9.07 7.44 -6.01
N HIS A 217 -8.35 8.55 -5.78
CA HIS A 217 -6.89 8.56 -5.74
C HIS A 217 -6.30 9.09 -4.44
N ILE A 218 -7.14 9.62 -3.57
CA ILE A 218 -6.71 10.27 -2.36
C ILE A 218 -6.58 9.25 -1.24
N VAL A 219 -5.33 9.12 -0.73
CA VAL A 219 -4.98 8.12 0.31
C VAL A 219 -4.72 8.75 1.67
N ALA A 220 -4.41 10.06 1.69
CA ALA A 220 -4.25 10.80 2.93
C ALA A 220 -4.49 12.27 2.68
N VAL A 221 -4.77 13.04 3.73
CA VAL A 221 -4.97 14.48 3.63
C VAL A 221 -4.13 15.18 4.70
N HIS A 222 -3.34 16.18 4.25
CA HIS A 222 -2.67 17.14 5.13
C HIS A 222 -3.62 18.28 5.53
N VAL A 223 -3.65 18.60 6.83
CA VAL A 223 -4.52 19.67 7.33
C VAL A 223 -3.66 20.80 7.92
N LYS A 224 -3.65 21.93 7.22
CA LYS A 224 -3.00 23.17 7.66
C LYS A 224 -3.62 24.42 7.01
N ASP A 225 -3.37 25.58 7.60
CA ASP A 225 -3.86 26.84 7.05
C ASP A 225 -2.76 27.53 6.26
N THR A 226 -3.18 28.34 5.29
CA THR A 226 -2.27 29.07 4.43
C THR A 226 -2.86 30.42 4.03
N LYS A 227 -2.02 31.22 3.37
CA LYS A 227 -2.45 32.43 2.67
C LYS A 227 -1.73 32.41 1.32
N PRO A 228 -2.25 33.14 0.31
CA PRO A 228 -1.47 33.28 -0.93
C PRO A 228 0.00 33.59 -0.68
N GLY A 229 0.87 32.71 -1.15
CA GLY A 229 2.31 32.86 -1.04
C GLY A 229 2.90 32.47 0.31
N VAL A 230 2.04 32.09 1.26
CA VAL A 230 2.50 31.70 2.60
C VAL A 230 1.94 30.32 2.98
N PHE A 231 2.83 29.34 2.96
CA PHE A 231 2.49 27.93 3.06
C PHE A 231 2.96 27.27 4.37
N LYS A 232 3.60 28.06 5.24
CA LYS A 232 4.23 27.52 6.42
C LYS A 232 3.94 28.38 7.67
N ASN A 233 3.62 27.70 8.77
CA ASN A 233 3.41 28.32 10.09
C ASN A 233 2.27 29.34 10.21
N VAL A 234 1.41 29.44 9.18
CA VAL A 234 0.19 30.25 9.24
C VAL A 234 -0.77 29.61 10.26
N PRO A 235 -1.13 30.34 11.35
CA PRO A 235 -1.95 29.73 12.41
C PRO A 235 -3.37 29.38 11.96
N PHE A 236 -3.90 28.24 12.44
CA PHE A 236 -5.26 27.79 12.16
C PHE A 236 -6.28 28.90 12.42
N GLY A 237 -7.11 29.19 11.42
CA GLY A 237 -8.09 30.26 11.51
C GLY A 237 -7.65 31.62 10.99
N GLU A 238 -6.34 31.83 10.86
CA GLU A 238 -5.80 33.10 10.38
C GLU A 238 -5.51 33.09 8.88
N GLY A 239 -5.76 31.97 8.21
CA GLY A 239 -5.53 31.88 6.77
C GLY A 239 -6.80 31.86 5.94
N VAL A 240 -6.68 31.32 4.72
CA VAL A 240 -7.78 31.30 3.74
C VAL A 240 -8.47 29.94 3.58
N VAL A 241 -7.98 28.89 4.24
CA VAL A 241 -8.58 27.56 4.08
C VAL A 241 -9.98 27.52 4.71
N ASP A 242 -10.95 27.03 3.94
CA ASP A 242 -12.31 26.76 4.40
C ASP A 242 -12.41 25.30 4.82
N PHE A 243 -12.04 25.03 6.07
CA PHE A 243 -11.91 23.71 6.62
C PHE A 243 -13.21 22.90 6.64
N GLU A 244 -14.27 23.52 7.18
CA GLU A 244 -15.57 22.87 7.26
C GLU A 244 -16.10 22.48 5.88
N ARG A 245 -15.89 23.35 4.90
CA ARG A 245 -16.25 23.05 3.52
C ARG A 245 -15.45 21.89 2.90
N CYS A 246 -14.14 21.85 3.15
CA CYS A 246 -13.22 20.81 2.66
C CYS A 246 -13.54 19.46 3.29
N PHE A 247 -13.85 19.44 4.59
CA PHE A 247 -14.21 18.19 5.28
C PHE A 247 -15.58 17.69 4.80
N GLU A 248 -16.51 18.63 4.61
CA GLU A 248 -17.84 18.37 4.07
C GLU A 248 -17.77 17.66 2.72
N THR A 249 -17.03 18.27 1.78
CA THR A 249 -16.83 17.71 0.45
C THR A 249 -16.23 16.29 0.53
N LEU A 250 -15.12 16.17 1.29
CA LEU A 250 -14.42 14.89 1.45
C LEU A 250 -15.32 13.79 2.02
N LYS A 251 -16.03 14.09 3.10
CA LYS A 251 -16.98 13.17 3.69
C LYS A 251 -18.09 12.75 2.71
N GLN A 252 -18.71 13.75 2.06
CA GLN A 252 -19.84 13.52 1.17
C GLN A 252 -19.46 12.73 -0.08
N SER A 253 -18.22 12.91 -0.53
CA SER A 253 -17.69 12.25 -1.70
C SER A 253 -17.14 10.86 -1.38
N GLY A 254 -17.15 10.50 -0.10
CA GLY A 254 -16.93 9.13 0.27
C GLY A 254 -15.55 8.81 0.83
N TYR A 255 -14.73 9.83 1.15
CA TYR A 255 -13.38 9.62 1.70
C TYR A 255 -13.38 9.03 3.10
N CYS A 256 -12.57 7.98 3.33
CA CYS A 256 -12.51 7.30 4.63
C CYS A 256 -11.11 7.16 5.23
N GLY A 257 -10.15 7.87 4.67
CA GLY A 257 -8.79 7.70 5.10
C GLY A 257 -8.40 8.64 6.23
N PRO A 258 -7.09 8.66 6.53
CA PRO A 258 -6.60 9.51 7.62
C PRO A 258 -6.50 10.99 7.27
N TYR A 259 -6.49 11.81 8.33
CA TYR A 259 -6.17 13.22 8.25
C TYR A 259 -4.97 13.43 9.16
N LEU A 260 -4.01 14.24 8.69
CA LEU A 260 -2.79 14.56 9.43
C LEU A 260 -2.66 16.08 9.64
N ILE A 261 -2.68 16.50 10.90
CA ILE A 261 -2.42 17.88 11.28
C ILE A 261 -0.96 18.23 11.11
N GLU A 262 -0.72 19.18 10.21
CA GLU A 262 0.63 19.61 9.89
C GLU A 262 0.94 20.97 10.52
N MET A 263 1.88 20.97 11.46
CA MET A 263 2.38 22.18 12.10
C MET A 263 3.82 21.95 12.56
N TRP A 264 4.47 23.02 12.99
CA TRP A 264 5.91 23.01 13.28
C TRP A 264 6.24 23.50 14.68
N SER A 265 5.40 23.13 15.65
CA SER A 265 5.55 23.58 17.03
C SER A 265 6.69 22.91 17.82
N GLU A 266 7.64 22.28 17.14
CA GLU A 266 8.81 21.70 17.83
C GLU A 266 9.66 22.77 18.54
N THR A 267 9.59 23.99 17.99
CA THR A 267 10.29 25.20 18.47
C THR A 267 9.52 26.03 19.50
N ALA A 268 8.28 25.64 19.78
CA ALA A 268 7.45 26.37 20.75
C ALA A 268 7.90 26.08 22.18
N GLU A 269 7.53 26.96 23.09
CA GLU A 269 7.86 26.82 24.52
C GLU A 269 7.25 25.53 25.05
N ASP A 270 6.00 25.27 24.64
CA ASP A 270 5.27 24.07 25.02
C ASP A 270 4.60 23.47 23.76
N PRO A 271 5.33 22.60 23.02
CA PRO A 271 4.83 21.94 21.82
C PRO A 271 3.49 21.21 22.04
N ALA A 272 3.38 20.47 23.13
CA ALA A 272 2.20 19.66 23.40
C ALA A 272 0.92 20.49 23.60
N ALA A 273 1.06 21.66 24.24
CA ALA A 273 -0.06 22.55 24.50
C ALA A 273 -0.56 23.20 23.23
N GLU A 274 0.35 23.50 22.32
CA GLU A 274 0.05 24.01 20.98
C GLU A 274 -0.68 22.99 20.11
N VAL A 275 -0.21 21.74 20.19
CA VAL A 275 -0.81 20.62 19.50
C VAL A 275 -2.23 20.32 20.01
N ALA A 276 -2.41 20.35 21.33
CA ALA A 276 -3.72 20.20 21.95
C ALA A 276 -4.72 21.25 21.46
N LYS A 277 -4.29 22.50 21.35
CA LYS A 277 -5.16 23.57 20.88
C LYS A 277 -5.49 23.44 19.39
N ALA A 278 -4.48 23.09 18.60
CA ALA A 278 -4.66 22.84 17.18
C ALA A 278 -5.60 21.64 16.93
N ARG A 279 -5.47 20.59 17.76
CA ARG A 279 -6.27 19.36 17.64
C ARG A 279 -7.74 19.64 17.91
N ASP A 280 -8.01 20.38 18.97
CA ASP A 280 -9.37 20.75 19.34
C ASP A 280 -10.03 21.68 18.33
N TRP A 281 -9.22 22.54 17.72
CA TRP A 281 -9.67 23.46 16.70
C TRP A 281 -10.05 22.74 15.41
N VAL A 282 -9.18 21.84 14.97
CA VAL A 282 -9.43 21.03 13.78
C VAL A 282 -10.64 20.10 13.98
N LYS A 283 -10.68 19.40 15.12
CA LYS A 283 -11.77 18.49 15.48
C LYS A 283 -13.16 19.14 15.50
N ALA A 284 -13.24 20.36 16.04
CA ALA A 284 -14.48 21.17 16.06
C ALA A 284 -15.09 21.36 14.66
N ARG A 285 -14.21 21.51 13.67
CA ARG A 285 -14.60 21.74 12.30
C ARG A 285 -14.95 20.44 11.57
N MET A 286 -14.20 19.38 11.84
CA MET A 286 -14.58 18.04 11.42
C MET A 286 -15.97 17.70 11.93
N ALA A 287 -16.24 17.94 13.21
CA ALA A 287 -17.54 17.68 13.81
C ALA A 287 -18.66 18.50 13.18
N LYS A 288 -18.33 19.72 12.74
CA LYS A 288 -19.31 20.60 12.16
C LYS A 288 -19.74 20.07 10.80
N ALA A 289 -18.77 19.54 10.06
CA ALA A 289 -18.99 18.98 8.74
C ALA A 289 -19.58 17.55 8.77
N GLY A 290 -20.05 17.09 9.93
CA GLY A 290 -20.67 15.77 10.05
C GLY A 290 -19.75 14.64 10.49
N MET A 291 -18.49 14.95 10.75
CA MET A 291 -17.54 13.93 11.23
C MET A 291 -16.93 14.35 12.56
N GLN B 16 15.28 -5.77 -11.74
CA GLN B 16 14.73 -6.79 -10.80
C GLN B 16 13.30 -7.18 -11.18
N ILE B 17 13.05 -8.49 -11.18
CA ILE B 17 11.70 -9.04 -11.13
C ILE B 17 11.62 -9.73 -9.78
N PRO B 18 10.82 -9.21 -8.83
CA PRO B 18 10.73 -9.91 -7.55
C PRO B 18 10.02 -11.24 -7.71
N LEU B 19 10.68 -12.33 -7.36
CA LEU B 19 10.10 -13.67 -7.47
C LEU B 19 9.82 -14.25 -6.09
N GLY B 20 8.61 -14.77 -5.90
CA GLY B 20 8.17 -15.22 -4.59
C GLY B 20 7.66 -16.64 -4.57
N ILE B 21 7.51 -17.17 -3.38
CA ILE B 21 7.07 -18.55 -3.19
C ILE B 21 5.93 -18.61 -2.20
N TYR B 22 4.88 -19.33 -2.57
CA TYR B 22 3.75 -19.59 -1.70
C TYR B 22 4.24 -20.36 -0.47
N GLU B 23 3.73 -20.00 0.70
CA GLU B 23 3.99 -20.69 1.96
C GLU B 23 3.91 -22.23 1.87
N LYS B 24 2.81 -22.73 1.32
CA LYS B 24 2.53 -24.16 1.27
C LYS B 24 3.38 -24.93 0.26
N ALA B 25 4.28 -24.26 -0.44
CA ALA B 25 5.27 -24.96 -1.26
C ALA B 25 6.51 -25.39 -0.45
N LEU B 26 6.56 -24.97 0.82
CA LEU B 26 7.69 -25.23 1.70
C LEU B 26 7.20 -26.03 2.93
N PRO B 27 8.07 -26.85 3.54
CA PRO B 27 7.77 -27.62 4.75
C PRO B 27 7.05 -26.84 5.85
N ALA B 28 6.04 -27.49 6.44
CA ALA B 28 5.10 -26.89 7.40
C ALA B 28 5.71 -26.62 8.77
N GLY B 29 4.98 -25.86 9.60
CA GLY B 29 5.42 -25.50 10.95
C GLY B 29 5.32 -24.01 11.22
N GLU B 30 5.72 -23.59 12.41
CA GLU B 30 5.56 -22.18 12.81
C GLU B 30 6.87 -21.43 13.09
N CYS B 31 8.00 -22.12 12.93
CA CYS B 31 9.26 -21.39 12.87
C CYS B 31 9.35 -20.72 11.49
N TRP B 32 9.07 -19.42 11.50
CA TRP B 32 9.08 -18.61 10.29
C TRP B 32 10.48 -18.25 9.83
N LEU B 33 11.41 -18.21 10.79
CA LEU B 33 12.82 -17.97 10.51
C LEU B 33 13.44 -19.01 9.58
N GLU B 34 13.23 -20.30 9.88
CA GLU B 34 13.66 -21.43 9.05
C GLU B 34 13.04 -21.39 7.64
N ARG B 35 11.73 -21.11 7.58
CA ARG B 35 11.00 -21.02 6.30
C ARG B 35 11.56 -19.93 5.42
N LEU B 36 11.73 -18.74 5.98
CA LEU B 36 12.29 -17.62 5.23
C LEU B 36 13.71 -17.90 4.79
N GLN B 37 14.51 -18.49 5.69
CA GLN B 37 15.86 -18.99 5.39
C GLN B 37 15.87 -19.99 4.22
N LEU B 38 14.92 -20.93 4.24
CA LEU B 38 14.75 -21.89 3.16
C LEU B 38 14.51 -21.20 1.81
N ALA B 39 13.52 -20.30 1.77
CA ALA B 39 13.19 -19.53 0.56
C ALA B 39 14.37 -18.71 0.06
N LYS B 40 15.18 -18.20 0.98
CA LYS B 40 16.42 -17.50 0.63
C LYS B 40 17.43 -18.40 -0.13
N THR B 41 17.76 -19.56 0.43
CA THR B 41 18.70 -20.47 -0.24
C THR B 41 18.17 -21.02 -1.58
N LEU B 42 16.86 -21.08 -1.72
CA LEU B 42 16.19 -21.45 -2.98
C LEU B 42 16.14 -20.29 -3.99
N GLY B 43 16.51 -19.08 -3.57
CA GLY B 43 16.63 -17.92 -4.46
C GLY B 43 15.38 -17.05 -4.61
N PHE B 44 14.47 -17.16 -3.64
CA PHE B 44 13.22 -16.39 -3.67
C PHE B 44 13.32 -15.08 -2.90
N ASP B 45 12.71 -14.04 -3.46
CA ASP B 45 12.77 -12.71 -2.84
C ASP B 45 11.77 -12.57 -1.70
N PHE B 46 10.76 -13.44 -1.66
CA PHE B 46 9.63 -13.27 -0.75
C PHE B 46 8.79 -14.53 -0.57
N VAL B 47 8.04 -14.58 0.52
CA VAL B 47 7.10 -15.66 0.80
C VAL B 47 5.69 -15.06 0.96
N GLU B 48 4.68 -15.67 0.32
CA GLU B 48 3.30 -15.24 0.56
C GLU B 48 2.69 -16.09 1.66
N MET B 49 2.27 -15.44 2.75
CA MET B 49 1.63 -16.14 3.86
C MET B 49 0.19 -16.55 3.49
N SER B 50 -0.25 -17.66 4.05
CA SER B 50 -1.63 -18.13 3.88
C SER B 50 -2.43 -18.01 5.19
N VAL B 51 -3.61 -17.40 5.12
CA VAL B 51 -4.55 -17.46 6.23
C VAL B 51 -5.85 -18.10 5.71
N ASP B 52 -5.87 -19.44 5.76
CA ASP B 52 -6.84 -20.29 5.13
C ASP B 52 -8.00 -20.63 6.08
N GLU B 53 -8.66 -21.74 5.79
CA GLU B 53 -9.84 -22.23 6.51
C GLU B 53 -9.53 -23.04 7.79
N THR B 54 -8.25 -23.37 7.99
CA THR B 54 -7.85 -24.11 9.19
C THR B 54 -7.78 -23.17 10.39
N ASP B 55 -8.28 -23.63 11.54
CA ASP B 55 -8.15 -22.95 12.83
C ASP B 55 -6.70 -22.58 13.14
N GLU B 56 -5.80 -23.47 12.75
CA GLU B 56 -4.35 -23.36 12.89
C GLU B 56 -3.80 -22.07 12.28
N ARG B 57 -4.06 -21.87 10.98
CA ARG B 57 -3.63 -20.64 10.31
C ARG B 57 -4.49 -19.41 10.66
N LEU B 58 -5.76 -19.61 10.95
CA LEU B 58 -6.60 -18.51 11.43
C LEU B 58 -6.11 -17.92 12.77
N SER B 59 -5.52 -18.77 13.61
CA SER B 59 -5.01 -18.33 14.92
C SER B 59 -3.83 -17.38 14.80
N ARG B 60 -3.22 -17.29 13.61
CA ARG B 60 -2.25 -16.21 13.31
C ARG B 60 -2.87 -14.84 13.55
N LEU B 61 -4.15 -14.70 13.24
CA LEU B 61 -4.87 -13.42 13.46
C LEU B 61 -5.00 -13.05 14.93
N ASP B 62 -4.74 -14.03 15.79
CA ASP B 62 -4.85 -13.88 17.23
C ASP B 62 -3.49 -13.91 17.91
N TRP B 63 -2.42 -13.91 17.12
CA TRP B 63 -1.06 -13.85 17.66
C TRP B 63 -0.91 -12.67 18.63
N SER B 64 0.05 -12.81 19.54
CA SER B 64 0.38 -11.78 20.50
C SER B 64 1.35 -10.79 19.86
N ARG B 65 1.53 -9.63 20.50
CA ARG B 65 2.48 -8.64 19.98
C ARG B 65 3.88 -9.23 19.77
N GLU B 66 4.30 -10.08 20.71
CA GLU B 66 5.58 -10.81 20.66
C GLU B 66 5.75 -11.77 19.47
N GLN B 67 4.68 -12.51 19.14
CA GLN B 67 4.67 -13.39 17.99
C GLN B 67 4.78 -12.60 16.70
N ARG B 68 4.01 -11.52 16.61
CA ARG B 68 4.06 -10.59 15.46
C ARG B 68 5.44 -9.95 15.31
N LEU B 69 6.00 -9.48 16.41
CA LEU B 69 7.35 -8.92 16.37
C LEU B 69 8.41 -9.96 15.97
N ALA B 70 8.29 -11.21 16.42
CA ALA B 70 9.26 -12.27 16.09
C ALA B 70 9.31 -12.55 14.58
N LEU B 71 8.14 -12.47 13.93
CA LEU B 71 8.03 -12.55 12.47
C LEU B 71 8.72 -11.37 11.78
N VAL B 72 8.42 -10.15 12.19
CA VAL B 72 9.15 -8.98 11.68
C VAL B 72 10.68 -9.13 11.83
N ASN B 73 11.12 -9.54 13.02
CA ASN B 73 12.55 -9.77 13.26
C ASN B 73 13.17 -10.72 12.25
N ALA B 74 12.50 -11.83 11.97
CA ALA B 74 12.98 -12.85 11.03
C ALA B 74 13.06 -12.35 9.58
N ILE B 75 12.05 -11.58 9.17
CA ILE B 75 12.00 -10.95 7.84
C ILE B 75 13.19 -10.01 7.64
N VAL B 76 13.38 -9.11 8.60
CA VAL B 76 14.49 -8.17 8.59
C VAL B 76 15.86 -8.89 8.66
N GLU B 77 15.99 -9.88 9.55
CA GLU B 77 17.20 -10.72 9.63
C GLU B 77 17.57 -11.38 8.27
N THR B 78 16.62 -12.12 7.69
CA THR B 78 16.85 -12.86 6.43
C THR B 78 16.88 -11.99 5.16
N GLY B 79 16.08 -10.93 5.13
CA GLY B 79 15.93 -10.09 3.95
C GLY B 79 14.83 -10.61 3.02
N VAL B 80 14.15 -11.69 3.45
CA VAL B 80 13.03 -12.29 2.73
C VAL B 80 11.73 -11.69 3.26
N ARG B 81 11.05 -10.93 2.41
CA ARG B 81 9.84 -10.23 2.78
C ARG B 81 8.64 -11.18 2.86
N VAL B 82 7.63 -10.75 3.61
CA VAL B 82 6.31 -11.37 3.54
C VAL B 82 5.35 -10.24 3.14
N PRO B 83 5.36 -9.86 1.84
CA PRO B 83 4.64 -8.67 1.37
C PRO B 83 3.14 -8.88 1.16
N SER B 84 2.70 -10.14 1.08
CA SER B 84 1.31 -10.41 0.82
C SER B 84 0.73 -11.54 1.68
N MET B 85 -0.59 -11.50 1.85
CA MET B 85 -1.33 -12.52 2.55
C MET B 85 -2.49 -13.06 1.69
N CYS B 86 -2.50 -14.37 1.44
CA CYS B 86 -3.66 -15.02 0.83
C CYS B 86 -4.73 -15.25 1.91
N LEU B 87 -5.89 -14.65 1.74
CA LEU B 87 -6.93 -14.79 2.74
C LEU B 87 -8.10 -15.71 2.28
N SER B 88 -7.80 -16.99 2.14
CA SER B 88 -8.78 -18.02 1.76
C SER B 88 -9.80 -18.34 2.88
N ALA B 89 -9.61 -17.75 4.07
CA ALA B 89 -10.48 -18.00 5.21
C ALA B 89 -11.95 -17.70 4.91
N HIS B 90 -12.19 -16.72 4.04
CA HIS B 90 -13.54 -16.35 3.59
C HIS B 90 -14.33 -17.44 2.84
N ARG B 91 -13.69 -18.49 2.37
CA ARG B 91 -14.45 -19.65 1.87
C ARG B 91 -15.31 -20.29 2.95
N ARG B 92 -14.75 -20.29 4.16
CA ARG B 92 -15.37 -20.89 5.33
C ARG B 92 -16.31 -19.89 6.01
N PHE B 93 -15.92 -18.61 5.96
CA PHE B 93 -16.66 -17.52 6.58
C PHE B 93 -16.91 -16.39 5.54
N PRO B 94 -17.75 -16.69 4.50
CA PRO B 94 -17.93 -15.77 3.38
C PRO B 94 -18.72 -14.52 3.74
N LEU B 95 -18.35 -13.42 3.13
CA LEU B 95 -19.02 -12.12 3.33
C LEU B 95 -20.44 -12.06 2.73
N GLY B 96 -20.73 -12.95 1.79
CA GLY B 96 -22.05 -13.08 1.25
C GLY B 96 -23.00 -13.96 2.03
N SER B 97 -22.55 -14.57 3.12
CA SER B 97 -23.38 -15.54 3.86
C SER B 97 -24.68 -14.93 4.31
N GLU B 98 -25.79 -15.63 4.03
CA GLU B 98 -27.08 -15.24 4.59
C GLU B 98 -27.19 -15.60 6.09
N ASP B 99 -26.23 -16.35 6.62
CA ASP B 99 -26.16 -16.55 8.06
C ASP B 99 -25.38 -15.39 8.68
N ASP B 100 -26.11 -14.51 9.38
CA ASP B 100 -25.54 -13.30 9.97
C ASP B 100 -24.32 -13.53 10.86
N ALA B 101 -24.34 -14.64 11.61
CA ALA B 101 -23.22 -15.03 12.48
C ALA B 101 -21.97 -15.42 11.69
N VAL B 102 -22.16 -16.10 10.56
CA VAL B 102 -21.06 -16.45 9.69
C VAL B 102 -20.49 -15.21 8.98
N ARG B 103 -21.40 -14.32 8.58
CA ARG B 103 -21.02 -13.06 7.96
C ARG B 103 -20.19 -12.19 8.91
N ALA B 104 -20.68 -12.01 10.14
CA ALA B 104 -19.98 -11.24 11.16
C ALA B 104 -18.56 -11.77 11.40
N GLN B 105 -18.42 -13.09 11.47
CA GLN B 105 -17.13 -13.76 11.61
C GLN B 105 -16.15 -13.42 10.48
N GLY B 106 -16.61 -13.50 9.24
CA GLY B 106 -15.83 -13.07 8.09
C GLY B 106 -15.40 -11.60 8.12
N LEU B 107 -16.31 -10.72 8.52
CA LEU B 107 -15.98 -9.29 8.71
C LEU B 107 -14.94 -9.06 9.81
N GLU B 108 -15.09 -9.78 10.92
CA GLU B 108 -14.14 -9.78 12.01
C GLU B 108 -12.75 -10.28 11.57
N ILE B 109 -12.74 -11.40 10.85
CA ILE B 109 -11.53 -11.89 10.17
C ILE B 109 -10.89 -10.85 9.26
N MET B 110 -11.70 -10.18 8.45
CA MET B 110 -11.22 -9.09 7.59
C MET B 110 -10.58 -7.99 8.46
N ARG B 111 -11.25 -7.59 9.52
CA ARG B 111 -10.73 -6.57 10.43
C ARG B 111 -9.39 -6.99 11.06
N LYS B 112 -9.35 -8.21 11.58
CA LYS B 112 -8.15 -8.77 12.21
C LYS B 112 -7.00 -9.01 11.25
N ALA B 113 -7.34 -9.26 9.99
CA ALA B 113 -6.32 -9.43 8.93
C ALA B 113 -5.69 -8.10 8.56
N ILE B 114 -6.49 -7.05 8.52
CA ILE B 114 -5.98 -5.72 8.22
C ILE B 114 -5.02 -5.30 9.33
N GLN B 115 -5.43 -5.49 10.57
CA GLN B 115 -4.57 -5.14 11.71
C GLN B 115 -3.30 -5.99 11.76
N PHE B 116 -3.43 -7.29 11.48
CA PHE B 116 -2.26 -8.17 11.34
C PHE B 116 -1.31 -7.64 10.27
N ALA B 117 -1.86 -7.26 9.12
CA ALA B 117 -1.06 -6.63 8.06
C ALA B 117 -0.34 -5.34 8.51
N GLN B 118 -1.05 -4.48 9.27
CA GLN B 118 -0.45 -3.27 9.89
C GLN B 118 0.73 -3.62 10.82
N ASP B 119 0.46 -4.47 11.82
CA ASP B 119 1.45 -4.92 12.81
C ASP B 119 2.71 -5.52 12.20
N VAL B 120 2.53 -6.34 11.18
CA VAL B 120 3.63 -7.11 10.59
C VAL B 120 4.19 -6.57 9.29
N GLY B 121 3.53 -5.57 8.70
CA GLY B 121 4.09 -4.90 7.53
C GLY B 121 3.76 -5.63 6.22
N ILE B 122 2.63 -6.32 6.21
CA ILE B 122 2.16 -6.95 4.98
C ILE B 122 1.62 -5.87 4.04
N ARG B 123 2.02 -5.90 2.77
CA ARG B 123 1.64 -4.85 1.81
C ARG B 123 0.24 -5.03 1.25
N VAL B 124 -0.07 -6.26 0.85
CA VAL B 124 -1.31 -6.58 0.13
C VAL B 124 -2.03 -7.76 0.75
N ILE B 125 -3.31 -7.59 1.04
CA ILE B 125 -4.13 -8.73 1.39
C ILE B 125 -4.92 -9.20 0.16
N GLN B 126 -4.67 -10.42 -0.27
CA GLN B 126 -5.37 -11.03 -1.39
C GLN B 126 -6.72 -11.59 -0.97
N LEU B 127 -7.79 -10.98 -1.48
CA LEU B 127 -9.14 -11.36 -1.07
C LEU B 127 -9.65 -12.53 -1.88
N ALA B 128 -10.48 -13.36 -1.24
CA ALA B 128 -11.23 -14.42 -1.92
C ALA B 128 -12.47 -13.81 -2.58
N GLY B 129 -12.59 -13.96 -3.89
CA GLY B 129 -13.75 -13.45 -4.61
C GLY B 129 -14.88 -14.44 -4.69
N TYR B 130 -15.38 -14.89 -3.53
CA TYR B 130 -16.60 -15.69 -3.46
C TYR B 130 -17.61 -15.03 -2.57
N ASP B 131 -18.81 -14.76 -3.09
CA ASP B 131 -19.91 -14.31 -2.23
C ASP B 131 -20.27 -15.42 -1.24
N VAL B 132 -20.41 -16.64 -1.74
CA VAL B 132 -20.45 -17.87 -0.95
C VAL B 132 -19.69 -18.94 -1.73
N TYR B 133 -19.20 -19.97 -1.04
CA TYR B 133 -18.44 -21.04 -1.70
C TYR B 133 -19.06 -22.44 -1.50
N TYR B 134 -19.46 -22.77 -0.26
CA TYR B 134 -20.08 -24.07 0.08
C TYR B 134 -21.62 -24.06 0.06
N GLN B 135 -22.18 -22.90 -0.29
CA GLN B 135 -23.61 -22.72 -0.50
C GLN B 135 -23.85 -22.21 -1.91
N GLU B 136 -25.10 -22.26 -2.37
CA GLU B 136 -25.41 -21.75 -3.69
C GLU B 136 -25.71 -20.25 -3.62
N ALA B 137 -25.15 -19.51 -4.58
CA ALA B 137 -25.28 -18.06 -4.61
C ALA B 137 -26.69 -17.64 -5.01
N ASN B 138 -27.10 -16.45 -4.56
CA ASN B 138 -28.35 -15.83 -4.98
C ASN B 138 -28.23 -14.30 -4.92
N ASN B 139 -29.26 -13.58 -5.33
CA ASN B 139 -29.23 -12.13 -5.24
C ASN B 139 -28.81 -11.61 -3.85
N GLU B 140 -29.24 -12.30 -2.80
CA GLU B 140 -28.98 -11.87 -1.42
C GLU B 140 -27.50 -12.06 -1.05
N THR B 141 -26.90 -13.18 -1.45
CA THR B 141 -25.47 -13.37 -1.18
C THR B 141 -24.60 -12.36 -1.98
N ARG B 142 -25.03 -12.04 -3.20
CA ARG B 142 -24.32 -11.07 -4.03
C ARG B 142 -24.33 -9.68 -3.40
N ARG B 143 -25.49 -9.30 -2.88
CA ARG B 143 -25.74 -8.07 -2.17
C ARG B 143 -24.95 -7.97 -0.85
N ARG B 144 -25.02 -9.02 -0.04
CA ARG B 144 -24.25 -9.09 1.20
C ARG B 144 -22.76 -9.07 0.94
N PHE B 145 -22.33 -9.74 -0.12
CA PHE B 145 -20.93 -9.73 -0.49
C PHE B 145 -20.48 -8.33 -0.92
N ARG B 146 -21.30 -7.66 -1.73
CA ARG B 146 -21.05 -6.28 -2.15
C ARG B 146 -20.86 -5.31 -0.96
N ASP B 147 -21.77 -5.35 0.01
CA ASP B 147 -21.69 -4.45 1.17
C ASP B 147 -20.57 -4.83 2.16
N GLY B 148 -20.25 -6.13 2.24
CA GLY B 148 -19.09 -6.62 2.99
C GLY B 148 -17.77 -6.14 2.44
N LEU B 149 -17.65 -6.12 1.12
CA LEU B 149 -16.52 -5.57 0.41
C LEU B 149 -16.30 -4.07 0.66
N LYS B 150 -17.40 -3.34 0.65
CA LYS B 150 -17.41 -1.91 0.89
C LYS B 150 -16.95 -1.64 2.34
N GLU B 151 -17.51 -2.38 3.30
CA GLU B 151 -17.07 -2.32 4.68
C GLU B 151 -15.58 -2.67 4.85
N SER B 152 -15.12 -3.69 4.12
CA SER B 152 -13.72 -4.10 4.09
C SER B 152 -12.79 -3.02 3.54
N VAL B 153 -13.23 -2.36 2.47
CA VAL B 153 -12.45 -1.33 1.83
C VAL B 153 -12.38 -0.05 2.67
N GLU B 154 -13.43 0.25 3.42
CA GLU B 154 -13.40 1.35 4.34
C GLU B 154 -12.44 1.12 5.51
N MET B 155 -12.43 -0.09 6.05
CA MET B 155 -11.41 -0.50 7.03
C MET B 155 -9.97 -0.38 6.49
N ALA B 156 -9.78 -0.77 5.23
CA ALA B 156 -8.47 -0.73 4.58
C ALA B 156 -7.97 0.69 4.31
N SER B 157 -8.89 1.62 4.04
CA SER B 157 -8.63 3.04 3.82
C SER B 157 -8.16 3.80 5.05
N ARG B 158 -8.72 3.42 6.20
CA ARG B 158 -8.30 3.94 7.50
C ARG B 158 -6.91 3.43 7.83
N ALA B 159 -6.68 2.15 7.57
CA ALA B 159 -5.42 1.51 7.94
C ALA B 159 -4.37 1.75 6.86
N GLN B 160 -4.84 2.13 5.67
CA GLN B 160 -3.99 2.28 4.48
C GLN B 160 -3.31 0.96 4.10
N VAL B 161 -4.14 -0.07 3.93
CA VAL B 161 -3.69 -1.41 3.57
C VAL B 161 -4.41 -1.79 2.29
N THR B 162 -3.66 -2.30 1.32
CA THR B 162 -4.19 -2.71 0.02
C THR B 162 -4.87 -4.07 0.08
N LEU B 163 -6.11 -4.11 -0.37
CA LEU B 163 -6.84 -5.36 -0.56
C LEU B 163 -6.88 -5.61 -2.06
N ALA B 164 -6.44 -6.79 -2.49
CA ALA B 164 -6.39 -7.10 -3.94
C ALA B 164 -7.23 -8.30 -4.29
N MET B 165 -8.21 -8.08 -5.15
CA MET B 165 -9.09 -9.13 -5.60
C MET B 165 -8.39 -10.12 -6.54
N GLU B 166 -8.33 -11.39 -6.12
CA GLU B 166 -7.81 -12.47 -6.97
C GLU B 166 -8.80 -12.86 -8.05
N ILE B 167 -8.30 -13.22 -9.22
CA ILE B 167 -9.13 -13.79 -10.29
C ILE B 167 -9.34 -15.27 -9.94
N MET B 168 -10.60 -15.62 -9.73
CA MET B 168 -11.01 -16.85 -9.05
C MET B 168 -11.35 -18.06 -9.93
N ASP B 169 -11.34 -19.23 -9.29
CA ASP B 169 -11.89 -20.48 -9.83
C ASP B 169 -13.42 -20.54 -9.67
N TYR B 170 -14.06 -19.39 -9.82
CA TYR B 170 -15.45 -19.19 -9.44
C TYR B 170 -16.05 -18.10 -10.31
N PRO B 171 -17.24 -18.36 -10.91
CA PRO B 171 -17.80 -17.51 -11.99
C PRO B 171 -17.95 -16.03 -11.66
N LEU B 172 -18.12 -15.70 -10.37
CA LEU B 172 -18.39 -14.32 -9.91
C LEU B 172 -17.19 -13.39 -10.12
N MET B 173 -16.00 -13.99 -10.09
CA MET B 173 -14.76 -13.25 -10.20
C MET B 173 -13.77 -14.00 -11.10
N ASN B 174 -14.28 -14.61 -12.18
CA ASN B 174 -13.45 -15.47 -13.02
C ASN B 174 -12.69 -14.76 -14.15
N SER B 175 -12.70 -13.43 -14.09
CA SER B 175 -11.91 -12.62 -15.01
C SER B 175 -11.47 -11.31 -14.35
N ILE B 176 -10.51 -10.65 -15.01
CA ILE B 176 -10.11 -9.31 -14.66
C ILE B 176 -11.28 -8.32 -14.80
N SER B 177 -12.03 -8.44 -15.89
CA SER B 177 -13.26 -7.65 -16.11
C SER B 177 -14.19 -7.64 -14.89
N LYS B 178 -14.39 -8.80 -14.26
CA LYS B 178 -15.26 -8.93 -13.08
C LYS B 178 -14.69 -8.17 -11.89
N ALA B 179 -13.40 -8.34 -11.64
CA ALA B 179 -12.71 -7.59 -10.60
C ALA B 179 -12.72 -6.07 -10.89
N LEU B 180 -12.49 -5.69 -12.15
CA LEU B 180 -12.60 -4.27 -12.58
C LEU B 180 -13.96 -3.65 -12.35
N GLY B 181 -15.03 -4.41 -12.56
CA GLY B 181 -16.39 -3.98 -12.23
C GLY B 181 -16.55 -3.56 -10.78
N TYR B 182 -16.07 -4.42 -9.86
CA TYR B 182 -16.03 -4.11 -8.42
C TYR B 182 -15.13 -2.91 -8.12
N ALA B 183 -13.97 -2.85 -8.77
CA ALA B 183 -13.05 -1.72 -8.63
C ALA B 183 -13.65 -0.36 -8.98
N HIS B 184 -14.32 -0.29 -10.14
CA HIS B 184 -15.10 0.88 -10.55
C HIS B 184 -16.23 1.25 -9.59
N TYR B 185 -16.95 0.25 -9.09
CA TYR B 185 -18.01 0.46 -8.09
C TYR B 185 -17.46 1.03 -6.79
N LEU B 186 -16.31 0.51 -6.35
CA LEU B 186 -15.73 0.92 -5.08
C LEU B 186 -14.96 2.24 -5.21
N ASN B 187 -14.34 2.46 -6.35
CA ASN B 187 -13.66 3.73 -6.65
C ASN B 187 -12.75 4.17 -5.50
N ASN B 188 -11.87 3.24 -5.10
CA ASN B 188 -11.04 3.40 -3.92
C ASN B 188 -9.64 2.93 -4.22
N PRO B 189 -8.61 3.73 -3.86
CA PRO B 189 -7.22 3.36 -4.18
C PRO B 189 -6.70 2.12 -3.45
N TRP B 190 -7.38 1.69 -2.37
CA TRP B 190 -6.97 0.53 -1.59
C TRP B 190 -7.57 -0.79 -2.08
N PHE B 191 -8.46 -0.71 -3.07
CA PHE B 191 -8.95 -1.93 -3.69
C PHE B 191 -8.24 -2.10 -5.03
N GLN B 192 -7.41 -3.13 -5.15
CA GLN B 192 -6.71 -3.34 -6.42
C GLN B 192 -6.96 -4.75 -6.95
N LEU B 193 -6.10 -5.20 -7.88
CA LEU B 193 -6.27 -6.48 -8.57
C LEU B 193 -5.05 -7.39 -8.50
N TYR B 194 -5.31 -8.68 -8.29
CA TYR B 194 -4.29 -9.74 -8.13
C TYR B 194 -4.67 -10.91 -9.06
N PRO B 195 -4.35 -10.80 -10.37
CA PRO B 195 -4.64 -11.90 -11.28
C PRO B 195 -3.77 -13.16 -11.09
N ASP B 196 -4.44 -14.30 -11.11
CA ASP B 196 -3.82 -15.60 -11.25
C ASP B 196 -3.95 -15.96 -12.73
N ILE B 197 -2.82 -16.13 -13.43
CA ILE B 197 -2.83 -16.41 -14.85
C ILE B 197 -3.31 -17.83 -15.17
N GLY B 198 -3.15 -18.75 -14.20
CA GLY B 198 -3.81 -20.05 -14.24
C GLY B 198 -5.34 -19.94 -14.29
N ASN B 199 -5.94 -19.33 -13.26
CA ASN B 199 -7.40 -19.19 -13.18
C ASN B 199 -8.00 -18.37 -14.32
N LEU B 200 -7.24 -17.38 -14.78
CA LEU B 200 -7.64 -16.53 -15.89
C LEU B 200 -7.65 -17.32 -17.21
N SER B 201 -6.84 -18.39 -17.27
CA SER B 201 -6.74 -19.24 -18.46
C SER B 201 -7.68 -20.44 -18.43
N ALA B 202 -8.21 -20.78 -17.25
CA ALA B 202 -9.07 -21.96 -17.10
C ALA B 202 -10.56 -21.75 -17.47
N TRP B 203 -10.87 -20.61 -18.08
CA TRP B 203 -12.25 -20.34 -18.53
C TRP B 203 -12.35 -20.15 -20.05
N ASP B 204 -13.28 -19.30 -20.47
CA ASP B 204 -13.40 -18.87 -21.86
C ASP B 204 -13.07 -17.37 -21.96
N ASN B 205 -11.99 -16.96 -21.29
CA ASN B 205 -11.52 -15.58 -21.30
C ASN B 205 -10.59 -15.30 -22.47
N ASP B 206 -10.54 -14.04 -22.91
CA ASP B 206 -9.47 -13.56 -23.75
C ASP B 206 -8.35 -13.09 -22.82
N VAL B 207 -7.45 -14.01 -22.49
CA VAL B 207 -6.43 -13.81 -21.47
C VAL B 207 -5.56 -12.57 -21.70
N GLN B 208 -4.98 -12.46 -22.90
CA GLN B 208 -4.04 -11.39 -23.22
C GLN B 208 -4.72 -10.02 -23.27
N MET B 209 -5.99 -10.02 -23.67
CA MET B 209 -6.81 -8.83 -23.58
C MET B 209 -7.04 -8.43 -22.12
N GLU B 210 -7.42 -9.40 -21.29
CA GLU B 210 -7.70 -9.17 -19.87
C GLU B 210 -6.54 -8.52 -19.13
N LEU B 211 -5.34 -9.04 -19.35
CA LEU B 211 -4.13 -8.56 -18.68
C LEU B 211 -3.77 -7.14 -19.07
N GLN B 212 -3.96 -6.80 -20.35
CA GLN B 212 -3.83 -5.42 -20.82
C GLN B 212 -4.91 -4.54 -20.19
N ALA B 213 -6.16 -5.02 -20.18
CA ALA B 213 -7.26 -4.27 -19.59
C ALA B 213 -7.05 -3.87 -18.12
N GLY B 214 -6.41 -4.74 -17.33
CA GLY B 214 -6.32 -4.50 -15.89
C GLY B 214 -5.08 -3.78 -15.47
N ILE B 215 -4.22 -3.44 -16.42
CA ILE B 215 -2.82 -3.12 -16.15
C ILE B 215 -2.55 -2.05 -15.05
N GLY B 216 -3.26 -0.92 -15.08
CA GLY B 216 -3.10 0.07 -14.00
C GLY B 216 -3.72 -0.30 -12.65
N HIS B 217 -4.20 -1.53 -12.53
CA HIS B 217 -4.79 -2.05 -11.29
C HIS B 217 -4.07 -3.26 -10.73
N ILE B 218 -3.12 -3.81 -11.48
CA ILE B 218 -2.51 -5.09 -11.13
C ILE B 218 -1.35 -4.88 -10.15
N VAL B 219 -1.47 -5.40 -8.94
CA VAL B 219 -0.43 -5.21 -7.89
C VAL B 219 0.50 -6.40 -7.69
N ALA B 220 0.06 -7.57 -8.14
CA ALA B 220 0.80 -8.81 -7.98
C ALA B 220 0.24 -9.84 -8.94
N VAL B 221 1.02 -10.91 -9.18
CA VAL B 221 0.62 -11.94 -10.14
C VAL B 221 0.91 -13.34 -9.60
N HIS B 222 -0.14 -14.16 -9.46
CA HIS B 222 0.01 -15.58 -9.16
C HIS B 222 0.35 -16.36 -10.44
N VAL B 223 1.39 -17.20 -10.36
CA VAL B 223 1.87 -17.99 -11.49
C VAL B 223 1.68 -19.47 -11.16
N LYS B 224 0.86 -20.14 -11.96
CA LYS B 224 0.65 -21.59 -11.88
C LYS B 224 0.08 -22.10 -13.21
N ASP B 225 -0.21 -23.40 -13.29
CA ASP B 225 -0.79 -23.99 -14.51
C ASP B 225 -2.13 -24.68 -14.21
N THR B 226 -3.08 -24.49 -15.13
CA THR B 226 -4.44 -25.07 -15.02
C THR B 226 -4.90 -25.72 -16.34
N LYS B 227 -6.08 -26.34 -16.32
CA LYS B 227 -6.69 -26.89 -17.54
C LYS B 227 -8.17 -26.48 -17.64
N PRO B 228 -8.80 -26.61 -18.84
CA PRO B 228 -10.23 -26.28 -18.91
C PRO B 228 -11.08 -27.08 -17.92
N GLY B 229 -11.53 -26.43 -16.85
CA GLY B 229 -12.34 -27.10 -15.82
C GLY B 229 -11.57 -27.38 -14.55
N VAL B 230 -10.31 -27.78 -14.70
CA VAL B 230 -9.43 -28.13 -13.57
C VAL B 230 -8.62 -26.91 -13.13
N PHE B 231 -8.67 -26.59 -11.84
CA PHE B 231 -8.07 -25.34 -11.32
C PHE B 231 -6.76 -25.49 -10.54
N LYS B 232 -6.60 -26.59 -9.81
CA LYS B 232 -5.48 -26.71 -8.87
C LYS B 232 -4.44 -27.78 -9.24
N ASN B 233 -3.21 -27.55 -8.79
CA ASN B 233 -2.02 -28.39 -9.06
C ASN B 233 -2.00 -29.26 -10.34
N VAL B 234 -1.80 -28.59 -11.47
CA VAL B 234 -1.40 -29.21 -12.73
C VAL B 234 0.06 -28.79 -12.92
N PRO B 235 0.98 -29.76 -13.11
CA PRO B 235 2.42 -29.44 -13.16
C PRO B 235 2.75 -28.38 -14.22
N PHE B 236 3.82 -27.63 -14.00
CA PHE B 236 4.21 -26.56 -14.94
C PHE B 236 4.50 -27.09 -16.35
N GLY B 237 3.71 -26.61 -17.31
CA GLY B 237 3.87 -26.99 -18.71
C GLY B 237 2.82 -27.97 -19.23
N GLU B 238 2.09 -28.60 -18.33
CA GLU B 238 1.11 -29.62 -18.70
C GLU B 238 -0.31 -29.09 -18.85
N GLY B 239 -0.51 -27.80 -18.55
CA GLY B 239 -1.82 -27.17 -18.67
C GLY B 239 -1.96 -26.33 -19.94
N VAL B 240 -2.98 -25.46 -19.96
CA VAL B 240 -3.26 -24.60 -21.13
C VAL B 240 -2.68 -23.17 -21.05
N VAL B 241 -1.96 -22.87 -19.97
CA VAL B 241 -1.39 -21.54 -19.76
C VAL B 241 -0.23 -21.29 -20.73
N ASP B 242 -0.31 -20.18 -21.45
CA ASP B 242 0.77 -19.73 -22.35
C ASP B 242 1.64 -18.74 -21.59
N PHE B 243 2.59 -19.26 -20.80
CA PHE B 243 3.40 -18.45 -19.90
C PHE B 243 4.20 -17.37 -20.61
N GLU B 244 4.91 -17.76 -21.66
CA GLU B 244 5.74 -16.83 -22.41
C GLU B 244 4.91 -15.66 -22.97
N ARG B 245 3.69 -15.94 -23.40
CA ARG B 245 2.81 -14.90 -23.95
C ARG B 245 2.24 -13.97 -22.85
N CYS B 246 1.78 -14.56 -21.75
CA CYS B 246 1.39 -13.83 -20.53
C CYS B 246 2.52 -12.93 -20.01
N PHE B 247 3.73 -13.48 -19.94
CA PHE B 247 4.88 -12.69 -19.54
C PHE B 247 5.22 -11.57 -20.54
N GLU B 248 5.00 -11.83 -21.84
CA GLU B 248 5.18 -10.82 -22.88
C GLU B 248 4.15 -9.68 -22.77
N THR B 249 2.87 -10.04 -22.70
CA THR B 249 1.79 -9.07 -22.45
C THR B 249 2.08 -8.17 -21.25
N LEU B 250 2.48 -8.77 -20.13
CA LEU B 250 2.77 -8.00 -18.93
C LEU B 250 4.04 -7.12 -19.07
N LYS B 251 5.12 -7.71 -19.56
CA LYS B 251 6.34 -6.96 -19.86
C LYS B 251 6.10 -5.76 -20.78
N GLN B 252 5.39 -5.99 -21.90
CA GLN B 252 5.11 -4.94 -22.90
C GLN B 252 4.12 -3.86 -22.42
N SER B 253 3.25 -4.25 -21.49
CA SER B 253 2.23 -3.37 -20.96
C SER B 253 2.70 -2.45 -19.83
N GLY B 254 3.90 -2.68 -19.30
CA GLY B 254 4.43 -1.83 -18.24
C GLY B 254 4.29 -2.35 -16.81
N TYR B 255 4.06 -3.66 -16.68
CA TYR B 255 3.98 -4.28 -15.36
C TYR B 255 5.36 -4.42 -14.74
N CYS B 256 5.54 -3.85 -13.56
CA CYS B 256 6.83 -3.90 -12.87
C CYS B 256 6.81 -4.58 -11.52
N GLY B 257 5.75 -5.33 -11.24
CA GLY B 257 5.51 -5.88 -9.92
C GLY B 257 6.04 -7.29 -9.75
N PRO B 258 5.82 -7.86 -8.56
CA PRO B 258 6.22 -9.24 -8.25
C PRO B 258 5.41 -10.34 -8.95
N TYR B 259 6.01 -11.53 -9.04
CA TYR B 259 5.33 -12.75 -9.47
C TYR B 259 5.46 -13.79 -8.37
N LEU B 260 4.35 -14.44 -8.02
CA LEU B 260 4.36 -15.41 -6.95
C LEU B 260 4.08 -16.80 -7.53
N ILE B 261 5.03 -17.72 -7.35
CA ILE B 261 4.88 -19.09 -7.83
C ILE B 261 4.00 -19.87 -6.85
N GLU B 262 2.88 -20.37 -7.36
CA GLU B 262 1.96 -21.12 -6.54
C GLU B 262 2.19 -22.60 -6.74
N MET B 263 2.55 -23.27 -5.65
CA MET B 263 2.86 -24.69 -5.64
C MET B 263 2.54 -25.26 -4.27
N TRP B 264 2.32 -26.58 -4.23
CA TRP B 264 2.00 -27.26 -2.98
C TRP B 264 3.04 -28.33 -2.63
N SER B 265 4.19 -28.26 -3.31
CA SER B 265 5.42 -29.08 -3.07
C SER B 265 5.58 -29.70 -1.68
N GLU B 266 5.29 -28.92 -0.64
CA GLU B 266 5.07 -29.42 0.74
C GLU B 266 4.43 -30.81 0.68
N THR B 267 3.66 -31.05 -0.40
CA THR B 267 3.38 -32.41 -0.84
C THR B 267 3.52 -32.73 -2.35
N ALA B 268 4.36 -33.74 -2.57
CA ALA B 268 5.12 -34.03 -3.81
C ALA B 268 6.65 -34.13 -3.67
N GLU B 269 7.05 -35.34 -3.24
CA GLU B 269 8.40 -35.95 -3.46
C GLU B 269 9.61 -35.37 -2.71
N ASP B 270 10.36 -34.50 -3.37
CA ASP B 270 11.40 -33.70 -2.73
C ASP B 270 10.97 -32.24 -2.92
N PRO B 271 10.23 -31.69 -1.94
CA PRO B 271 9.68 -30.33 -2.04
C PRO B 271 10.71 -29.27 -2.47
N ALA B 272 11.88 -29.25 -1.83
CA ALA B 272 12.93 -28.28 -2.12
C ALA B 272 13.45 -28.39 -3.56
N ALA B 273 13.67 -29.62 -4.02
CA ALA B 273 14.15 -29.87 -5.39
C ALA B 273 13.10 -29.57 -6.46
N GLU B 274 11.82 -29.74 -6.10
CA GLU B 274 10.68 -29.43 -6.99
C GLU B 274 10.48 -27.93 -7.22
N VAL B 275 10.67 -27.14 -6.16
CA VAL B 275 10.51 -25.68 -6.26
C VAL B 275 11.69 -25.03 -6.99
N ALA B 276 12.86 -25.66 -6.94
CA ALA B 276 14.02 -25.20 -7.69
C ALA B 276 13.88 -25.48 -9.19
N LYS B 277 13.27 -26.61 -9.53
CA LYS B 277 12.95 -26.93 -10.92
C LYS B 277 11.91 -25.97 -11.47
N ALA B 278 10.85 -25.74 -10.70
CA ALA B 278 9.76 -24.87 -11.09
C ALA B 278 10.17 -23.40 -11.08
N ARG B 279 11.13 -23.05 -10.22
CA ARG B 279 11.70 -21.70 -10.19
C ARG B 279 12.43 -21.39 -11.50
N ASP B 280 13.27 -22.32 -11.94
CA ASP B 280 14.04 -22.16 -13.18
C ASP B 280 13.18 -22.31 -14.43
N TRP B 281 12.13 -23.10 -14.32
CA TRP B 281 11.18 -23.28 -15.41
C TRP B 281 10.42 -21.98 -15.68
N VAL B 282 9.99 -21.32 -14.60
CA VAL B 282 9.29 -20.03 -14.69
C VAL B 282 10.23 -18.93 -15.22
N LYS B 283 11.47 -18.89 -14.70
CA LYS B 283 12.47 -17.91 -15.13
C LYS B 283 12.87 -18.09 -16.60
N ALA B 284 12.89 -19.35 -17.08
CA ALA B 284 13.19 -19.63 -18.49
C ALA B 284 12.10 -19.06 -19.41
N ARG B 285 10.85 -19.25 -19.02
CA ARG B 285 9.67 -18.73 -19.73
C ARG B 285 9.61 -17.20 -19.76
N MET B 286 10.06 -16.58 -18.66
CA MET B 286 10.16 -15.12 -18.55
C MET B 286 11.25 -14.56 -19.46
N ALA B 287 12.37 -15.27 -19.57
CA ALA B 287 13.53 -14.82 -20.34
C ALA B 287 13.28 -14.91 -21.85
N LYS B 288 12.47 -15.87 -22.28
CA LYS B 288 12.03 -15.96 -23.67
C LYS B 288 11.06 -14.83 -24.02
N ALA B 289 10.45 -14.24 -23.00
CA ALA B 289 9.47 -13.16 -23.17
C ALA B 289 10.09 -11.77 -23.01
N GLY B 290 11.42 -11.69 -23.10
CA GLY B 290 12.13 -10.41 -23.07
C GLY B 290 12.69 -10.01 -21.70
N MET B 291 12.15 -10.64 -20.65
CA MET B 291 12.51 -10.33 -19.26
C MET B 291 13.91 -10.82 -18.91
#